data_1AFQ
#
_entry.id   1AFQ
#
_cell.length_a   69.840
_cell.length_b   69.840
_cell.length_c   97.360
_cell.angle_alpha   90.00
_cell.angle_beta   90.00
_cell.angle_gamma   90.00
#
_symmetry.space_group_name_H-M   'P 42 21 2'
#
loop_
_entity.id
_entity.type
_entity.pdbx_description
1 polymer 'BOVINE GAMMA-CHYMOTRYPSIN'
2 polymer 'BOVINE GAMMA-CHYMOTRYPSIN'
3 polymer 'BOVINE GAMMA-CHYMOTRYPSIN'
4 non-polymer D-leucyl-N-(4-fluorobenzyl)-L-phenylalaninamide
5 non-polymer 'SULFATE ION'
6 water water
#
loop_
_entity_poly.entity_id
_entity_poly.type
_entity_poly.pdbx_seq_one_letter_code
_entity_poly.pdbx_strand_id
1 'polypeptide(L)' CGVPAIQPVLSGL A
2 'polypeptide(L)'
;IVNGEEAVPGSWPWQVSLQDKTGFHFCGGSLINENWVVTAAHCGVTTSDVVVAGEFDQGSSSEKIQKLKIAKVFKNSKYN
SLTINNDITLLKLSTAASFSQTVSAVCLPSASDDFAAGTTCVTTGWGLTRY
;
B
3 'polypeptide(L)'
;NTPDRLQQASLPLLSNTNCKKYWGTKIKDAMICAGASGVSSCMGDSGGPLVCKKNGAWTLVGIVSWGSSTCSTSTPGVYA
RVTALVNWVQQTLAAN
;
C
#
loop_
_chem_comp.id
_chem_comp.type
_chem_comp.name
_chem_comp.formula
0FG peptide-like D-leucyl-N-(4-fluorobenzyl)-L-phenylalaninamide 'C22 H28 F N3 O2'
SO4 non-polymer 'SULFATE ION' 'O4 S -2'
#
# COMPACT_ATOMS: atom_id res chain seq x y z
N CYS A 1 -6.35 -13.22 -8.84
CA CYS A 1 -5.89 -11.92 -8.29
C CYS A 1 -4.80 -11.33 -9.15
N GLY A 2 -4.46 -10.06 -8.88
CA GLY A 2 -3.35 -9.37 -9.54
C GLY A 2 -3.32 -9.12 -11.06
N VAL A 3 -4.44 -9.23 -11.75
CA VAL A 3 -4.47 -8.97 -13.17
C VAL A 3 -5.58 -7.94 -13.44
N PRO A 4 -5.22 -6.65 -13.51
CA PRO A 4 -6.17 -5.57 -13.76
C PRO A 4 -6.89 -5.70 -15.10
N ALA A 5 -8.16 -5.31 -15.12
CA ALA A 5 -8.95 -5.36 -16.36
C ALA A 5 -8.48 -4.20 -17.23
N ILE A 6 -8.08 -3.12 -16.57
CA ILE A 6 -7.57 -1.95 -17.28
C ILE A 6 -6.06 -1.97 -17.06
N GLN A 7 -5.31 -2.20 -18.13
CA GLN A 7 -3.87 -2.29 -18.02
C GLN A 7 -3.13 -1.04 -17.63
N PRO A 8 -2.26 -1.15 -16.61
CA PRO A 8 -1.51 0.04 -16.20
C PRO A 8 -0.50 0.34 -17.30
N VAL A 9 -0.20 1.62 -17.49
CA VAL A 9 0.77 2.03 -18.49
C VAL A 9 1.86 2.73 -17.71
N LEU A 10 3.06 2.15 -17.74
CA LEU A 10 4.20 2.70 -17.03
C LEU A 10 5.20 3.35 -17.97
N ILE B 1 3.29 10.63 -3.50
CA ILE B 1 4.50 10.19 -4.25
C ILE B 1 5.19 11.37 -4.91
N VAL B 2 6.47 11.58 -4.58
CA VAL B 2 7.24 12.66 -5.16
C VAL B 2 7.86 12.15 -6.46
N ASN B 3 7.71 12.94 -7.52
CA ASN B 3 8.24 12.65 -8.85
C ASN B 3 7.60 11.45 -9.53
N GLY B 4 6.35 11.16 -9.17
CA GLY B 4 5.66 10.05 -9.80
C GLY B 4 4.93 10.58 -11.03
N GLU B 5 3.89 9.90 -11.45
CA GLU B 5 3.10 10.33 -12.59
C GLU B 5 1.67 9.89 -12.34
N GLU B 6 0.74 10.53 -13.02
CA GLU B 6 -0.68 10.20 -12.89
C GLU B 6 -0.87 8.81 -13.48
N ALA B 7 -1.66 7.98 -12.81
CA ALA B 7 -1.93 6.63 -13.29
C ALA B 7 -3.13 6.62 -14.25
N VAL B 8 -3.20 5.57 -15.06
CA VAL B 8 -4.33 5.40 -15.98
C VAL B 8 -5.49 5.11 -15.01
N PRO B 9 -6.61 5.81 -15.14
CA PRO B 9 -7.73 5.58 -14.26
C PRO B 9 -8.18 4.14 -14.20
N GLY B 10 -8.27 3.63 -12.97
CA GLY B 10 -8.71 2.26 -12.74
C GLY B 10 -7.74 1.13 -12.98
N SER B 11 -6.50 1.46 -13.34
CA SER B 11 -5.50 0.44 -13.61
C SER B 11 -4.85 -0.24 -12.41
N TRP B 12 -5.13 0.28 -11.22
CA TRP B 12 -4.61 -0.31 -9.97
C TRP B 12 -5.90 -0.49 -9.16
N PRO B 13 -6.76 -1.43 -9.59
CA PRO B 13 -8.04 -1.75 -8.97
C PRO B 13 -8.12 -2.14 -7.50
N TRP B 14 -7.00 -2.57 -6.92
CA TRP B 14 -6.97 -2.95 -5.50
C TRP B 14 -6.69 -1.73 -4.61
N GLN B 15 -6.24 -0.63 -5.20
CA GLN B 15 -5.91 0.58 -4.44
C GLN B 15 -7.14 1.25 -3.85
N VAL B 16 -7.14 1.36 -2.53
CA VAL B 16 -8.24 2.03 -1.86
C VAL B 16 -7.69 3.25 -1.10
N SER B 17 -8.60 4.13 -0.74
CA SER B 17 -8.27 5.33 0.02
C SER B 17 -8.96 5.21 1.38
N LEU B 18 -8.24 5.51 2.44
CA LEU B 18 -8.85 5.50 3.77
C LEU B 18 -9.13 6.97 4.07
N GLN B 19 -10.41 7.28 4.26
CA GLN B 19 -10.84 8.65 4.53
C GLN B 19 -11.61 8.75 5.84
N ASP B 20 -11.42 9.83 6.61
CA ASP B 20 -12.18 9.96 7.84
C ASP B 20 -13.57 10.46 7.50
N LYS B 21 -14.43 10.60 8.51
CA LYS B 21 -15.80 11.04 8.27
C LYS B 21 -15.94 12.43 7.61
N THR B 22 -14.89 13.26 7.68
CA THR B 22 -14.92 14.59 7.06
C THR B 22 -14.53 14.53 5.58
N GLY B 23 -14.11 13.35 5.11
CA GLY B 23 -13.71 13.16 3.73
C GLY B 23 -12.23 13.38 3.45
N PHE B 24 -11.44 13.45 4.52
CA PHE B 24 -10.00 13.67 4.40
C PHE B 24 -9.24 12.37 4.19
N HIS B 25 -8.49 12.29 3.09
CA HIS B 25 -7.69 11.10 2.79
C HIS B 25 -6.48 11.11 3.71
N PHE B 26 -6.28 10.03 4.45
CA PHE B 26 -5.12 9.98 5.35
C PHE B 26 -4.18 8.79 5.11
N CYS B 27 -4.65 7.78 4.37
CA CYS B 27 -3.84 6.59 4.09
C CYS B 27 -4.38 5.81 2.90
N GLY B 28 -3.53 4.92 2.39
CA GLY B 28 -3.91 4.07 1.29
C GLY B 28 -4.10 2.66 1.86
N GLY B 29 -4.49 1.74 0.99
CA GLY B 29 -4.69 0.37 1.40
C GLY B 29 -4.87 -0.46 0.15
N SER B 30 -4.90 -1.78 0.30
CA SER B 30 -5.08 -2.69 -0.85
C SER B 30 -6.11 -3.76 -0.54
N LEU B 31 -7.01 -3.98 -1.49
CA LEU B 31 -8.04 -5.02 -1.35
C LEU B 31 -7.38 -6.38 -1.62
N ILE B 32 -7.56 -7.32 -0.70
CA ILE B 32 -6.99 -8.66 -0.90
C ILE B 32 -8.11 -9.65 -1.25
N ASN B 33 -9.35 -9.19 -1.07
CA ASN B 33 -10.56 -9.93 -1.42
C ASN B 33 -11.75 -9.00 -1.18
N GLU B 34 -12.97 -9.47 -1.42
CA GLU B 34 -14.15 -8.64 -1.27
C GLU B 34 -14.43 -8.12 0.13
N ASN B 35 -13.91 -8.80 1.15
CA ASN B 35 -14.19 -8.42 2.52
C ASN B 35 -13.01 -7.92 3.34
N TRP B 36 -11.82 -7.94 2.74
CA TRP B 36 -10.63 -7.53 3.49
C TRP B 36 -9.71 -6.55 2.78
N VAL B 37 -9.20 -5.61 3.57
CA VAL B 37 -8.28 -4.59 3.10
C VAL B 37 -7.05 -4.64 4.00
N VAL B 38 -5.87 -4.53 3.39
CA VAL B 38 -4.63 -4.53 4.15
C VAL B 38 -4.05 -3.11 4.09
N THR B 39 -3.59 -2.62 5.24
CA THR B 39 -3.01 -1.30 5.30
C THR B 39 -1.92 -1.33 6.38
N ALA B 40 -1.37 -0.16 6.70
CA ALA B 40 -0.32 -0.07 7.69
C ALA B 40 -0.93 0.10 9.09
N ALA B 41 -0.33 -0.52 10.09
CA ALA B 41 -0.82 -0.38 11.46
C ALA B 41 -0.72 1.07 11.94
N HIS B 42 0.30 1.79 11.49
CA HIS B 42 0.47 3.17 11.95
C HIS B 42 -0.59 4.13 11.41
N CYS B 43 -1.43 3.68 10.48
CA CYS B 43 -2.49 4.53 9.95
C CYS B 43 -3.54 4.84 11.01
N GLY B 44 -3.60 4.01 12.05
CA GLY B 44 -4.53 4.24 13.15
C GLY B 44 -5.98 4.28 12.77
N VAL B 45 -6.38 3.36 11.91
CA VAL B 45 -7.75 3.28 11.44
C VAL B 45 -8.71 2.89 12.57
N THR B 46 -9.90 3.49 12.56
CA THR B 46 -10.94 3.18 13.54
C THR B 46 -12.15 2.74 12.73
N THR B 47 -13.18 2.28 13.41
CA THR B 47 -14.39 1.83 12.73
C THR B 47 -15.24 3.00 12.20
N SER B 48 -14.82 4.23 12.49
CA SER B 48 -15.52 5.43 12.04
C SER B 48 -14.96 5.94 10.72
N ASP B 49 -13.84 5.36 10.29
CA ASP B 49 -13.23 5.76 9.02
C ASP B 49 -13.88 4.98 7.89
N VAL B 50 -13.65 5.43 6.67
CA VAL B 50 -14.26 4.81 5.51
C VAL B 50 -13.25 4.35 4.47
N VAL B 51 -13.53 3.19 3.88
CA VAL B 51 -12.71 2.61 2.82
C VAL B 51 -13.37 3.00 1.51
N VAL B 52 -12.64 3.71 0.67
CA VAL B 52 -13.18 4.13 -0.60
C VAL B 52 -12.48 3.33 -1.71
N ALA B 53 -13.27 2.58 -2.46
CA ALA B 53 -12.74 1.78 -3.56
C ALA B 53 -13.25 2.31 -4.90
N GLY B 54 -12.48 2.03 -5.95
CA GLY B 54 -12.84 2.44 -7.30
C GLY B 54 -12.64 3.92 -7.59
N GLU B 55 -11.92 4.62 -6.74
CA GLU B 55 -11.72 6.05 -6.94
C GLU B 55 -10.41 6.33 -7.69
N PHE B 56 -10.40 7.39 -8.48
CA PHE B 56 -9.21 7.81 -9.22
C PHE B 56 -8.92 9.28 -8.91
N ASP B 57 -9.92 10.11 -9.20
CA ASP B 57 -9.85 11.56 -8.98
C ASP B 57 -10.73 11.89 -7.78
N GLN B 58 -10.10 12.25 -6.66
CA GLN B 58 -10.83 12.58 -5.43
C GLN B 58 -11.61 13.92 -5.51
N GLY B 59 -11.40 14.68 -6.57
CA GLY B 59 -12.09 15.93 -6.76
C GLY B 59 -13.28 15.78 -7.69
N SER B 60 -13.48 14.59 -8.25
CA SER B 60 -14.58 14.32 -9.17
C SER B 60 -15.83 13.81 -8.49
N SER B 61 -16.99 14.23 -8.99
CA SER B 61 -18.26 13.80 -8.43
C SER B 61 -18.94 12.76 -9.31
N SER B 62 -18.34 12.46 -10.46
CA SER B 62 -18.98 11.52 -11.38
C SER B 62 -18.41 10.12 -11.43
N GLU B 63 -17.49 9.81 -10.52
CA GLU B 63 -16.93 8.47 -10.48
C GLU B 63 -17.88 7.59 -9.67
N LYS B 64 -18.08 6.37 -10.15
CA LYS B 64 -18.94 5.44 -9.43
C LYS B 64 -18.07 4.70 -8.43
N ILE B 65 -17.85 5.36 -7.30
CA ILE B 65 -17.02 4.82 -6.22
C ILE B 65 -17.81 3.99 -5.23
N GLN B 66 -17.10 3.25 -4.39
CA GLN B 66 -17.77 2.45 -3.38
C GLN B 66 -17.25 2.89 -2.01
N LYS B 67 -18.16 3.38 -1.17
CA LYS B 67 -17.81 3.79 0.18
C LYS B 67 -18.17 2.66 1.14
N LEU B 68 -17.16 1.94 1.60
CA LEU B 68 -17.35 0.77 2.46
C LEU B 68 -17.08 1.02 3.93
N LYS B 69 -17.99 0.57 4.78
CA LYS B 69 -17.86 0.71 6.23
C LYS B 69 -16.96 -0.39 6.74
N ILE B 70 -16.26 -0.09 7.83
CA ILE B 70 -15.33 -1.04 8.45
C ILE B 70 -15.96 -1.69 9.68
N ALA B 71 -16.00 -3.01 9.69
CA ALA B 71 -16.59 -3.77 10.80
C ALA B 71 -15.61 -3.98 11.95
N LYS B 72 -14.38 -4.38 11.64
CA LYS B 72 -13.37 -4.64 12.66
C LYS B 72 -11.95 -4.27 12.20
N VAL B 73 -11.14 -3.79 13.13
CA VAL B 73 -9.76 -3.42 12.84
C VAL B 73 -8.84 -4.48 13.49
N PHE B 74 -8.03 -5.15 12.68
CA PHE B 74 -7.12 -6.19 13.18
C PHE B 74 -5.67 -5.72 13.09
N LYS B 75 -5.20 -5.09 14.15
CA LYS B 75 -3.82 -4.61 14.21
C LYS B 75 -2.95 -5.79 14.61
N ASN B 76 -1.95 -6.12 13.80
CA ASN B 76 -1.04 -7.24 14.08
C ASN B 76 -0.49 -7.07 15.50
N SER B 77 -0.59 -8.11 16.33
CA SER B 77 -0.11 -8.04 17.71
C SER B 77 1.40 -7.82 17.83
N LYS B 78 2.14 -8.21 16.79
CA LYS B 78 3.59 -8.05 16.76
C LYS B 78 4.02 -6.64 16.37
N TYR B 79 3.06 -5.80 16.00
CA TYR B 79 3.37 -4.43 15.64
C TYR B 79 4.05 -3.73 16.82
N ASN B 80 5.21 -3.15 16.55
CA ASN B 80 5.98 -2.43 17.56
C ASN B 80 6.03 -0.98 17.10
N SER B 81 5.26 -0.12 17.75
CA SER B 81 5.22 1.30 17.41
C SER B 81 6.52 2.06 17.67
N LEU B 82 7.39 1.53 18.51
CA LEU B 82 8.65 2.20 18.80
C LEU B 82 9.62 2.05 17.64
N THR B 83 9.68 0.85 17.06
CA THR B 83 10.59 0.60 15.95
C THR B 83 9.88 0.58 14.60
N ILE B 84 8.55 0.65 14.62
CA ILE B 84 7.70 0.62 13.42
C ILE B 84 7.82 -0.72 12.70
N ASN B 85 8.16 -1.76 13.43
CA ASN B 85 8.29 -3.07 12.83
C ASN B 85 6.94 -3.80 12.82
N ASN B 86 6.73 -4.63 11.80
CA ASN B 86 5.49 -5.40 11.62
C ASN B 86 4.32 -4.43 11.49
N ASP B 87 4.52 -3.44 10.64
CA ASP B 87 3.56 -2.38 10.41
C ASP B 87 2.42 -2.79 9.46
N ILE B 88 1.50 -3.59 9.98
CA ILE B 88 0.38 -4.07 9.18
C ILE B 88 -0.90 -4.25 9.97
N THR B 89 -2.01 -3.87 9.35
CA THR B 89 -3.34 -3.98 9.91
C THR B 89 -4.28 -4.46 8.84
N LEU B 90 -5.21 -5.32 9.24
CA LEU B 90 -6.21 -5.84 8.34
C LEU B 90 -7.54 -5.23 8.76
N LEU B 91 -8.34 -4.86 7.78
CA LEU B 91 -9.64 -4.28 8.05
C LEU B 91 -10.69 -5.20 7.46
N LYS B 92 -11.61 -5.66 8.28
CA LYS B 92 -12.68 -6.50 7.77
C LYS B 92 -13.84 -5.55 7.49
N LEU B 93 -14.30 -5.56 6.24
CA LEU B 93 -15.39 -4.70 5.80
C LEU B 93 -16.77 -5.17 6.25
N SER B 94 -17.61 -4.21 6.60
CA SER B 94 -18.98 -4.48 7.03
C SER B 94 -19.79 -4.87 5.78
N THR B 95 -19.56 -4.13 4.71
CA THR B 95 -20.20 -4.40 3.44
C THR B 95 -19.11 -4.81 2.45
N ALA B 96 -19.31 -5.95 1.81
CA ALA B 96 -18.35 -6.47 0.85
C ALA B 96 -18.26 -5.56 -0.38
N ALA B 97 -17.05 -5.41 -0.89
CA ALA B 97 -16.83 -4.60 -2.09
C ALA B 97 -17.40 -5.40 -3.26
N SER B 98 -17.82 -4.70 -4.31
CA SER B 98 -18.34 -5.35 -5.50
C SER B 98 -17.24 -5.28 -6.54
N PHE B 99 -16.64 -6.42 -6.88
CA PHE B 99 -15.56 -6.44 -7.86
C PHE B 99 -16.10 -6.09 -9.23
N SER B 100 -15.30 -5.35 -9.99
CA SER B 100 -15.69 -4.91 -11.31
C SER B 100 -14.43 -4.66 -12.10
N GLN B 101 -14.55 -3.94 -13.21
CA GLN B 101 -13.39 -3.62 -14.03
C GLN B 101 -12.39 -2.72 -13.27
N THR B 102 -12.89 -1.90 -12.35
CA THR B 102 -12.05 -0.97 -11.61
C THR B 102 -11.82 -1.31 -10.14
N VAL B 103 -12.39 -2.41 -9.68
CA VAL B 103 -12.22 -2.85 -8.30
C VAL B 103 -11.97 -4.36 -8.28
N SER B 104 -10.79 -4.77 -7.84
CA SER B 104 -10.45 -6.20 -7.74
C SER B 104 -9.27 -6.37 -6.77
N ALA B 105 -8.82 -7.60 -6.57
CA ALA B 105 -7.76 -7.88 -5.59
C ALA B 105 -6.33 -8.07 -6.09
N VAL B 106 -5.39 -7.70 -5.23
CA VAL B 106 -3.97 -7.87 -5.53
C VAL B 106 -3.60 -9.25 -4.95
N CYS B 107 -2.61 -9.92 -5.52
CA CYS B 107 -2.19 -11.21 -5.00
C CYS B 107 -1.26 -11.06 -3.81
N LEU B 108 -1.30 -12.06 -2.93
CA LEU B 108 -0.42 -12.12 -1.78
C LEU B 108 0.70 -13.09 -2.17
N PRO B 109 1.92 -12.86 -1.66
CA PRO B 109 3.04 -13.77 -1.98
C PRO B 109 3.08 -14.95 -1.02
N SER B 110 3.85 -15.96 -1.38
CA SER B 110 4.05 -17.10 -0.49
C SER B 110 5.16 -16.60 0.43
N ALA B 111 5.21 -17.11 1.66
CA ALA B 111 6.25 -16.69 2.60
C ALA B 111 7.66 -16.92 2.06
N SER B 112 7.83 -17.93 1.21
CA SER B 112 9.14 -18.24 0.64
C SER B 112 9.48 -17.53 -0.68
N ASP B 113 8.58 -16.68 -1.16
CA ASP B 113 8.84 -15.95 -2.41
C ASP B 113 10.01 -15.00 -2.26
N ASP B 114 10.87 -14.98 -3.28
CA ASP B 114 12.04 -14.12 -3.27
C ASP B 114 11.88 -12.96 -4.25
N PHE B 115 12.15 -11.76 -3.77
CA PHE B 115 12.07 -10.55 -4.59
C PHE B 115 13.44 -9.90 -4.46
N ALA B 116 14.27 -10.15 -5.47
CA ALA B 116 15.65 -9.67 -5.50
C ALA B 116 15.91 -8.17 -5.56
N ALA B 117 16.96 -7.72 -4.88
CA ALA B 117 17.35 -6.32 -4.89
C ALA B 117 17.61 -6.01 -6.37
N GLY B 118 17.24 -4.81 -6.81
CA GLY B 118 17.42 -4.47 -8.21
C GLY B 118 16.15 -4.60 -9.03
N THR B 119 15.23 -5.45 -8.57
CA THR B 119 13.97 -5.64 -9.26
C THR B 119 13.19 -4.31 -9.24
N THR B 120 12.61 -3.95 -10.37
CA THR B 120 11.82 -2.74 -10.47
C THR B 120 10.35 -3.09 -10.22
N CYS B 121 9.78 -2.45 -9.20
CA CYS B 121 8.40 -2.66 -8.81
C CYS B 121 7.66 -1.32 -8.88
N VAL B 122 6.41 -1.31 -8.44
CA VAL B 122 5.61 -0.10 -8.50
C VAL B 122 4.88 0.20 -7.19
N THR B 123 4.80 1.49 -6.84
CA THR B 123 4.06 1.89 -5.66
C THR B 123 3.09 2.96 -6.15
N THR B 124 1.90 3.02 -5.54
CA THR B 124 0.86 3.95 -5.93
C THR B 124 0.25 4.64 -4.71
N GLY B 125 -0.47 5.74 -4.94
CA GLY B 125 -1.11 6.42 -3.84
C GLY B 125 -1.43 7.90 -4.09
N TRP B 126 -2.10 8.50 -3.11
CA TRP B 126 -2.49 9.91 -3.17
C TRP B 126 -1.69 10.72 -2.15
N GLY B 127 -0.48 10.27 -1.83
CA GLY B 127 0.35 11.00 -0.89
C GLY B 127 0.93 12.25 -1.52
N LEU B 128 1.58 13.06 -0.71
CA LEU B 128 2.18 14.31 -1.19
C LEU B 128 3.06 14.11 -2.41
N THR B 129 2.95 15.03 -3.36
CA THR B 129 3.75 15.00 -4.59
C THR B 129 4.97 15.92 -4.43
N ARG B 130 4.88 16.80 -3.44
CA ARG B 130 5.96 17.74 -3.13
C ARG B 130 5.92 17.94 -1.63
N TYR B 131 7.10 18.03 -1.01
CA TYR B 131 7.19 18.26 0.42
C TYR B 131 7.72 19.66 0.66
N ASN C 1 -0.98 19.11 0.99
CA ASN C 1 -2.08 19.10 0.00
C ASN C 1 -1.89 17.91 -0.92
N THR C 2 -2.55 16.80 -0.60
CA THR C 2 -2.43 15.61 -1.44
C THR C 2 -3.07 15.84 -2.81
N PRO C 3 -2.52 15.20 -3.85
CA PRO C 3 -3.07 15.35 -5.21
C PRO C 3 -4.47 14.75 -5.31
N ASP C 4 -5.27 15.25 -6.25
CA ASP C 4 -6.60 14.73 -6.41
C ASP C 4 -6.57 13.36 -7.09
N ARG C 5 -5.71 13.24 -8.10
CA ARG C 5 -5.62 12.01 -8.87
C ARG C 5 -4.52 11.05 -8.43
N LEU C 6 -4.84 9.76 -8.52
CA LEU C 6 -3.92 8.69 -8.14
C LEU C 6 -2.59 8.74 -8.90
N GLN C 7 -1.49 8.74 -8.15
CA GLN C 7 -0.15 8.78 -8.72
C GLN C 7 0.51 7.38 -8.66
N GLN C 8 1.50 7.15 -9.50
CA GLN C 8 2.22 5.88 -9.56
C GLN C 8 3.69 6.18 -9.79
N ALA C 9 4.54 5.21 -9.50
CA ALA C 9 5.98 5.32 -9.72
C ALA C 9 6.65 3.96 -9.65
N SER C 10 7.60 3.73 -10.57
CA SER C 10 8.36 2.50 -10.57
C SER C 10 9.64 2.83 -9.80
N LEU C 11 10.13 1.86 -9.05
CA LEU C 11 11.33 2.04 -8.25
C LEU C 11 11.95 0.67 -7.98
N PRO C 12 13.26 0.64 -7.74
CA PRO C 12 13.97 -0.61 -7.47
C PRO C 12 13.97 -1.05 -6.01
N LEU C 13 13.98 -2.35 -5.77
CA LEU C 13 14.05 -2.87 -4.41
C LEU C 13 15.53 -2.88 -4.03
N LEU C 14 15.81 -2.72 -2.74
CA LEU C 14 17.20 -2.74 -2.24
C LEU C 14 17.31 -3.92 -1.29
N SER C 15 18.53 -4.31 -0.93
CA SER C 15 18.71 -5.40 0.03
C SER C 15 18.75 -4.71 1.40
N ASN C 16 18.44 -5.44 2.46
CA ASN C 16 18.46 -4.86 3.80
C ASN C 16 19.86 -4.42 4.22
N THR C 17 20.88 -5.16 3.78
CA THR C 17 22.27 -4.84 4.11
C THR C 17 22.63 -3.48 3.53
N ASN C 18 22.30 -3.28 2.26
CA ASN C 18 22.58 -2.01 1.60
C ASN C 18 21.71 -0.90 2.17
N CYS C 19 20.49 -1.23 2.56
CA CYS C 19 19.58 -0.22 3.11
C CYS C 19 20.09 0.31 4.44
N LYS C 20 20.81 -0.54 5.17
CA LYS C 20 21.39 -0.15 6.46
C LYS C 20 22.45 0.95 6.32
N LYS C 21 23.01 1.08 5.12
CA LYS C 21 23.99 2.13 4.86
C LYS C 21 23.27 3.47 5.01
N TYR C 22 21.96 3.46 4.78
CA TYR C 22 21.15 4.66 4.89
C TYR C 22 20.48 4.81 6.26
N TRP C 23 19.82 3.74 6.71
CA TRP C 23 19.06 3.77 7.96
C TRP C 23 19.63 3.05 9.19
N GLY C 24 20.83 2.52 9.05
CA GLY C 24 21.44 1.83 10.19
C GLY C 24 20.62 0.69 10.74
N THR C 25 20.59 0.59 12.06
CA THR C 25 19.88 -0.48 12.75
C THR C 25 18.37 -0.34 12.86
N LYS C 26 17.81 0.68 12.20
CA LYS C 26 16.37 0.88 12.19
C LYS C 26 15.72 -0.15 11.28
N ILE C 27 16.49 -0.68 10.34
CA ILE C 27 15.98 -1.67 9.40
C ILE C 27 15.89 -3.06 10.04
N LYS C 28 14.67 -3.56 10.20
CA LYS C 28 14.44 -4.87 10.80
C LYS C 28 14.09 -5.88 9.70
N ASP C 29 14.06 -7.16 10.06
CA ASP C 29 13.75 -8.23 9.11
C ASP C 29 12.37 -8.16 8.48
N ALA C 30 11.40 -7.54 9.16
CA ALA C 30 10.06 -7.44 8.57
C ALA C 30 9.90 -6.13 7.80
N MET C 31 11.01 -5.61 7.30
CA MET C 31 11.02 -4.38 6.51
C MET C 31 11.79 -4.64 5.22
N ILE C 32 11.38 -3.93 4.17
CA ILE C 32 12.04 -4.02 2.87
C ILE C 32 12.12 -2.59 2.33
N CYS C 33 13.28 -2.23 1.80
CA CYS C 33 13.50 -0.90 1.26
C CYS C 33 13.36 -0.85 -0.25
N ALA C 34 13.01 0.32 -0.75
CA ALA C 34 12.85 0.56 -2.17
C ALA C 34 12.95 2.05 -2.44
N GLY C 35 13.44 2.42 -3.62
CA GLY C 35 13.55 3.82 -3.94
C GLY C 35 14.97 4.30 -4.07
N ALA C 36 15.22 5.51 -3.59
CA ALA C 36 16.53 6.16 -3.68
C ALA C 36 16.88 6.23 -5.16
N SER C 37 15.84 6.36 -5.98
CA SER C 37 15.98 6.36 -7.42
C SER C 37 15.47 7.62 -8.14
N GLY C 38 15.12 8.64 -7.37
CA GLY C 38 14.59 9.85 -7.98
C GLY C 38 13.10 10.04 -7.72
N VAL C 39 12.48 9.07 -7.05
CA VAL C 39 11.07 9.11 -6.69
C VAL C 39 11.01 8.71 -5.22
N SER C 40 9.88 8.98 -4.58
CA SER C 40 9.74 8.64 -3.17
C SER C 40 8.30 8.65 -2.68
N SER C 41 7.95 7.65 -1.88
CA SER C 41 6.62 7.58 -1.27
C SER C 41 6.65 8.76 -0.27
N CYS C 42 5.51 9.27 0.14
CA CYS C 42 5.52 10.42 1.04
C CYS C 42 4.29 10.40 1.94
N MET C 43 4.17 11.38 2.83
CA MET C 43 3.02 11.42 3.73
C MET C 43 1.71 11.27 2.95
N GLY C 44 0.84 10.39 3.42
CA GLY C 44 -0.43 10.14 2.75
C GLY C 44 -0.40 8.88 1.89
N ASP C 45 0.81 8.39 1.60
CA ASP C 45 0.99 7.16 0.83
C ASP C 45 0.97 5.94 1.77
N SER C 46 1.15 6.19 3.06
CA SER C 46 1.16 5.16 4.10
C SER C 46 0.03 4.17 3.93
N GLY C 47 0.33 2.90 4.13
CA GLY C 47 -0.66 1.85 4.00
C GLY C 47 -0.88 1.35 2.58
N GLY C 48 -0.47 2.15 1.60
CA GLY C 48 -0.62 1.78 0.20
C GLY C 48 0.30 0.63 -0.23
N PRO C 49 0.13 0.11 -1.44
CA PRO C 49 0.93 -0.98 -1.97
C PRO C 49 2.25 -0.68 -2.68
N LEU C 50 3.14 -1.65 -2.58
CA LEU C 50 4.41 -1.68 -3.33
C LEU C 50 4.22 -3.07 -3.98
N VAL C 51 3.98 -3.08 -5.28
CA VAL C 51 3.74 -4.34 -5.99
C VAL C 51 4.78 -4.69 -7.04
N CYS C 52 5.06 -5.99 -7.20
CA CYS C 52 6.03 -6.48 -8.18
C CYS C 52 5.33 -7.55 -8.98
N LYS C 53 5.56 -7.57 -10.29
CA LYS C 53 4.92 -8.56 -11.16
C LYS C 53 5.72 -9.86 -11.09
N LYS C 54 5.05 -10.93 -10.68
CA LYS C 54 5.67 -12.25 -10.56
C LYS C 54 4.83 -13.25 -11.36
N ASN C 55 5.41 -13.83 -12.41
CA ASN C 55 4.69 -14.80 -13.25
C ASN C 55 3.45 -14.17 -13.85
N GLY C 56 3.53 -12.89 -14.21
CA GLY C 56 2.41 -12.19 -14.81
C GLY C 56 1.36 -11.59 -13.89
N ALA C 57 1.46 -11.85 -12.59
CA ALA C 57 0.47 -11.28 -11.68
C ALA C 57 1.10 -10.30 -10.71
N TRP C 58 0.41 -9.20 -10.46
CA TRP C 58 0.90 -8.18 -9.53
C TRP C 58 0.73 -8.72 -8.12
N THR C 59 1.85 -8.78 -7.41
CA THR C 59 1.91 -9.32 -6.05
C THR C 59 2.34 -8.26 -5.04
N LEU C 60 1.64 -8.22 -3.91
CA LEU C 60 1.92 -7.25 -2.84
C LEU C 60 3.18 -7.65 -2.10
N VAL C 61 4.24 -6.88 -2.34
CA VAL C 61 5.54 -7.13 -1.73
C VAL C 61 5.78 -6.25 -0.50
N GLY C 62 5.20 -5.06 -0.52
CA GLY C 62 5.38 -4.16 0.59
C GLY C 62 4.18 -3.27 0.84
N ILE C 63 4.17 -2.67 2.02
CA ILE C 63 3.13 -1.73 2.45
C ILE C 63 3.91 -0.48 2.84
N VAL C 64 3.52 0.67 2.28
CA VAL C 64 4.19 1.93 2.59
C VAL C 64 4.18 2.13 4.09
N SER C 65 5.37 2.22 4.68
CA SER C 65 5.51 2.36 6.12
C SER C 65 6.16 3.67 6.59
N TRP C 66 7.46 3.83 6.37
CA TRP C 66 8.15 5.06 6.80
C TRP C 66 9.35 5.41 5.93
N GLY C 67 9.92 6.60 6.16
CA GLY C 67 11.07 7.02 5.39
C GLY C 67 11.58 8.38 5.78
N SER C 68 12.21 9.06 4.82
CA SER C 68 12.77 10.38 5.03
C SER C 68 11.70 11.39 5.42
N SER C 69 11.97 12.18 6.45
CA SER C 69 11.01 13.19 6.90
C SER C 69 10.74 14.25 5.82
N THR C 70 11.62 14.34 4.83
CA THR C 70 11.42 15.30 3.76
C THR C 70 11.10 14.61 2.43
N CYS C 71 10.86 13.31 2.48
CA CYS C 71 10.54 12.52 1.29
C CYS C 71 11.62 12.68 0.22
N SER C 72 12.87 12.65 0.68
CA SER C 72 14.03 12.77 -0.18
C SER C 72 14.06 11.67 -1.23
N THR C 73 14.19 12.06 -2.49
CA THR C 73 14.22 11.09 -3.57
C THR C 73 15.56 10.35 -3.71
N SER C 74 16.55 10.70 -2.89
CA SER C 74 17.84 10.01 -2.94
C SER C 74 18.00 9.10 -1.73
N THR C 75 16.94 8.98 -0.94
CA THR C 75 16.91 8.15 0.26
C THR C 75 15.84 7.07 0.02
N PRO C 76 16.14 5.81 0.39
CA PRO C 76 15.13 4.78 0.16
C PRO C 76 13.99 4.78 1.17
N GLY C 77 12.78 4.52 0.68
CA GLY C 77 11.63 4.45 1.55
C GLY C 77 11.64 3.06 2.17
N VAL C 78 10.96 2.91 3.30
CA VAL C 78 10.91 1.63 3.98
C VAL C 78 9.46 1.14 3.99
N TYR C 79 9.29 -0.12 3.61
CA TYR C 79 7.99 -0.75 3.48
C TYR C 79 7.88 -2.00 4.36
N ALA C 80 6.68 -2.31 4.83
CA ALA C 80 6.51 -3.52 5.62
C ALA C 80 6.68 -4.67 4.62
N ARG C 81 7.55 -5.63 4.95
CA ARG C 81 7.82 -6.78 4.08
C ARG C 81 6.70 -7.81 4.21
N VAL C 82 5.85 -7.89 3.19
CA VAL C 82 4.71 -8.80 3.22
C VAL C 82 5.01 -10.30 3.35
N THR C 83 6.11 -10.79 2.79
CA THR C 83 6.45 -12.21 2.91
C THR C 83 6.61 -12.63 4.38
N ALA C 84 7.06 -11.71 5.21
CA ALA C 84 7.28 -11.95 6.63
C ALA C 84 6.01 -11.78 7.45
N LEU C 85 4.95 -11.29 6.80
CA LEU C 85 3.69 -11.03 7.49
C LEU C 85 2.52 -11.81 6.91
N VAL C 86 2.74 -12.46 5.77
CA VAL C 86 1.66 -13.20 5.13
C VAL C 86 1.10 -14.38 5.94
N ASN C 87 1.92 -15.01 6.76
CA ASN C 87 1.41 -16.13 7.56
C ASN C 87 0.36 -15.61 8.52
N TRP C 88 0.58 -14.41 9.08
CA TRP C 88 -0.38 -13.81 9.99
C TRP C 88 -1.66 -13.42 9.23
N VAL C 89 -1.52 -12.88 8.03
CA VAL C 89 -2.68 -12.50 7.22
C VAL C 89 -3.54 -13.73 6.95
N GLN C 90 -2.89 -14.80 6.49
CA GLN C 90 -3.58 -16.04 6.19
C GLN C 90 -4.31 -16.59 7.43
N GLN C 91 -3.66 -16.56 8.58
CA GLN C 91 -4.26 -17.04 9.83
C GLN C 91 -5.49 -16.20 10.22
N THR C 92 -5.36 -14.88 10.12
CA THR C 92 -6.43 -13.97 10.48
C THR C 92 -7.66 -14.14 9.58
N LEU C 93 -7.44 -14.29 8.29
CA LEU C 93 -8.55 -14.48 7.34
C LEU C 93 -9.22 -15.83 7.56
N ALA C 94 -8.44 -16.84 7.88
CA ALA C 94 -8.99 -18.17 8.10
C ALA C 94 -9.73 -18.33 9.43
N ALA C 95 -9.53 -17.39 10.36
CA ALA C 95 -10.17 -17.48 11.66
C ALA C 95 -11.31 -16.50 11.88
N ASN C 96 -11.53 -15.60 10.93
CA ASN C 96 -12.58 -14.59 11.07
C ASN C 96 -13.41 -14.47 9.80
N 0FG D . -6.18 -14.52 -3.09
CA 0FG D . -5.21 -15.45 -2.51
CB 0FG D . -5.13 -15.24 -1.00
CG 0FG D . -5.52 -16.39 -0.10
CD1 0FG D . -5.61 -15.88 1.32
CD2 0FG D . -6.85 -17.01 -0.52
C 0FG D . -3.83 -15.26 -3.09
O 0FG D . -3.29 -14.15 -3.09
N1 0FG D . -3.27 -16.35 -3.58
CA1 0FG D . -1.92 -16.33 -4.13
C1 0FG D . -1.94 -16.37 -5.64
O1 0FG D . -2.83 -16.94 -6.25
CB1 0FG D . -1.14 -17.52 -3.58
CG1 0FG D . -1.20 -17.59 -2.07
CD11 0FG D . -0.58 -16.61 -1.29
CD21 0FG D . -1.93 -18.59 -1.44
CE1 0FG D . -0.69 -16.60 0.08
CE2 0FG D . -2.08 -18.63 -0.06
CZ 0FG D . -1.44 -17.62 0.71
C11 0FG D . -0.27 -16.93 -8.24
C2 0FG D . -0.18 -17.08 -9.63
C3 0FG D . 0.31 -18.27 -10.18
C4 0FG D . 0.69 -19.30 -9.35
C5 0FG D . 0.60 -19.18 -7.96
C6 0FG D . 0.11 -18.00 -7.41
C7 0FG D . -0.78 -15.63 -7.66
N2 0FG D . -0.93 -15.72 -6.21
F 0FG D . 1.21 -20.41 -9.92
S SO4 E . -3.41 -11.14 16.40
O1 SO4 E . -2.63 -10.13 15.84
O2 SO4 E . -2.75 -12.37 16.30
O3 SO4 E . -3.62 -10.87 17.76
O4 SO4 E . -4.60 -11.17 15.65
N 0FG F . 10.26 10.08 8.80
CA 0FG F . 9.35 9.39 9.73
CB 0FG F . 10.12 8.41 10.60
CG 0FG F . 9.32 7.73 11.65
CD1 0FG F . 10.36 6.98 12.45
CD2 0FG F . 8.65 8.80 12.51
C 0FG F . 8.22 8.69 8.98
O 0FG F . 8.43 8.16 7.89
N1 0FG F . 7.06 8.59 9.60
CA1 0FG F . 5.91 7.92 8.99
C1 0FG F . 5.54 8.46 7.60
O1 0FG F . 5.54 9.65 7.39
CB1 0FG F . 4.69 7.94 9.92
CG1 0FG F . 4.84 7.01 11.08
CD11 0FG F . 5.50 5.79 10.91
CD21 0FG F . 4.31 7.31 12.31
CE1 0FG F . 5.59 4.90 11.95
CE2 0FG F . 4.40 6.42 13.37
CZ 0FG F . 5.04 5.19 13.20
C11 0FG F . 6.17 8.01 4.57
C2 0FG F . 6.67 6.94 3.81
C3 0FG F . 7.84 7.06 3.11
C4 0FG F . 8.56 8.24 3.16
C5 0FG F . 8.11 9.32 3.91
C6 0FG F . 6.91 9.21 4.61
C7 0FG F . 4.85 7.87 5.32
N2 0FG F . 5.21 7.56 6.69
F 0FG F . 9.69 8.32 2.45
#